data_4I8B
#
_entry.id   4I8B
#
_cell.length_a   90.756
_cell.length_b   149.364
_cell.length_c   39.881
_cell.angle_alpha   90.00
_cell.angle_beta   90.00
_cell.angle_gamma   90.00
#
_symmetry.space_group_name_H-M   'C 2 2 21'
#
loop_
_entity.id
_entity.type
_entity.pdbx_description
1 polymer Thioredoxin
2 water water
#
_entity_poly.entity_id   1
_entity_poly.type   'polypeptide(L)'
_entity_poly.pdbx_seq_one_letter_code
;SNVLHIETDDDFDSFLKENKDKLIVVDFFATWCGPCKKIAPAFEALSADRSALYVKVDVDKLEETARKYDVSAMPTFIVI
KNGEKVDTVVGASIENVEAAIRKHK
;
_entity_poly.pdbx_strand_id   A,B
#
# COMPACT_ATOMS: atom_id res chain seq x y z
N SER A 1 -7.13 15.20 -20.19
CA SER A 1 -7.02 15.30 -18.74
C SER A 1 -5.86 16.21 -18.33
N ASN A 2 -5.89 16.67 -17.09
CA ASN A 2 -4.77 17.44 -16.56
C ASN A 2 -4.00 16.70 -15.48
N VAL A 3 -4.09 15.38 -15.47
CA VAL A 3 -3.32 14.59 -14.49
C VAL A 3 -1.83 14.64 -14.76
N LEU A 4 -1.04 14.88 -13.72
CA LEU A 4 0.41 14.94 -13.90
C LEU A 4 0.96 13.60 -13.49
N HIS A 5 1.80 12.99 -14.31
CA HIS A 5 2.40 11.71 -13.94
C HIS A 5 3.83 12.00 -13.55
N ILE A 6 4.20 11.60 -12.35
CA ILE A 6 5.54 11.87 -11.85
C ILE A 6 6.18 10.52 -11.56
N GLU A 7 7.39 10.33 -12.08
CA GLU A 7 8.02 9.01 -12.15
C GLU A 7 9.13 8.71 -11.14
N THR A 8 9.65 9.74 -10.46
CA THR A 8 10.70 9.50 -9.45
C THR A 8 10.50 10.36 -8.22
N ASP A 9 11.12 9.96 -7.11
CA ASP A 9 11.03 10.76 -5.90
C ASP A 9 11.65 12.14 -6.17
N ASP A 10 12.80 12.15 -6.84
CA ASP A 10 13.50 13.41 -7.15
C ASP A 10 12.62 14.33 -7.98
N ASP A 11 11.91 13.78 -8.95
CA ASP A 11 10.97 14.59 -9.74
C ASP A 11 9.81 15.13 -8.89
N PHE A 12 9.31 14.31 -7.96
CA PHE A 12 8.22 14.77 -7.10
C PHE A 12 8.68 15.97 -6.27
N ASP A 13 9.88 15.88 -5.72
CA ASP A 13 10.40 16.91 -4.83
C ASP A 13 10.55 18.23 -5.59
N SER A 14 11.02 18.14 -6.84
CA SER A 14 11.15 19.30 -7.70
C SER A 14 9.77 19.88 -7.98
N PHE A 15 8.81 19.01 -8.29
CA PHE A 15 7.43 19.45 -8.54
C PHE A 15 6.84 20.23 -7.37
N LEU A 16 7.00 19.69 -6.16
CA LEU A 16 6.49 20.38 -4.96
C LEU A 16 7.11 21.75 -4.78
N LYS A 17 8.41 21.85 -4.98
CA LYS A 17 9.12 23.10 -4.78
C LYS A 17 8.71 24.14 -5.81
N GLU A 18 8.30 23.68 -6.99
CA GLU A 18 7.84 24.61 -8.03
C GLU A 18 6.38 25.03 -7.82
N ASN A 19 5.71 24.40 -6.87
CA ASN A 19 4.26 24.61 -6.71
C ASN A 19 3.86 24.76 -5.26
N LYS A 20 4.62 25.57 -4.52
CA LYS A 20 4.41 25.73 -3.09
C LYS A 20 3.19 26.58 -2.78
N ASP A 21 2.58 27.14 -3.83
CA ASP A 21 1.44 28.05 -3.64
C ASP A 21 0.18 27.48 -4.27
N LYS A 22 0.21 26.18 -4.57
CA LYS A 22 -0.91 25.49 -5.18
C LYS A 22 -1.56 24.50 -4.23
N LEU A 23 -2.84 24.22 -4.44
CA LEU A 23 -3.48 23.05 -3.84
C LEU A 23 -3.19 21.84 -4.74
N ILE A 24 -2.66 20.78 -4.15
CA ILE A 24 -2.21 19.61 -4.91
C ILE A 24 -2.89 18.36 -4.36
N VAL A 25 -3.39 17.51 -5.26
CA VAL A 25 -4.02 16.26 -4.86
C VAL A 25 -3.24 15.12 -5.51
N VAL A 26 -2.72 14.21 -4.70
CA VAL A 26 -1.87 13.14 -5.20
C VAL A 26 -2.53 11.78 -4.98
N ASP A 27 -2.75 11.07 -6.07
CA ASP A 27 -3.24 9.71 -6.03
C ASP A 27 -2.05 8.76 -5.97
N PHE A 28 -1.78 8.18 -4.80
CA PHE A 28 -0.77 7.14 -4.68
C PHE A 28 -1.42 5.79 -4.98
N PHE A 29 -0.87 5.07 -5.95
CA PHE A 29 -1.46 3.83 -6.44
C PHE A 29 -0.40 2.75 -6.60
N ALA A 30 -0.83 1.51 -6.80
CA ALA A 30 0.13 0.45 -7.12
C ALA A 30 -0.36 -0.28 -8.36
N THR A 31 0.56 -0.85 -9.14
CA THR A 31 0.17 -1.51 -10.41
C THR A 31 -0.76 -2.72 -10.20
N TRP A 32 -0.58 -3.42 -9.09
CA TRP A 32 -1.37 -4.61 -8.78
C TRP A 32 -2.75 -4.31 -8.16
N CYS A 33 -3.10 -3.03 -8.03
CA CYS A 33 -4.27 -2.62 -7.25
C CYS A 33 -5.50 -2.40 -8.14
N GLY A 34 -6.54 -3.21 -7.94
CA GLY A 34 -7.73 -3.17 -8.78
C GLY A 34 -8.60 -1.94 -8.55
N PRO A 35 -8.87 -1.62 -7.29
CA PRO A 35 -9.63 -0.40 -7.01
C PRO A 35 -8.94 0.86 -7.49
N CYS A 36 -7.60 0.89 -7.49
CA CYS A 36 -6.89 2.06 -8.06
C CYS A 36 -7.27 2.23 -9.52
N LYS A 37 -7.25 1.13 -10.26
CA LYS A 37 -7.59 1.20 -11.67
C LYS A 37 -9.04 1.60 -11.90
N LYS A 38 -9.94 1.16 -11.01
CA LYS A 38 -11.37 1.43 -11.19
C LYS A 38 -11.67 2.92 -11.00
N ILE A 39 -10.96 3.55 -10.09
CA ILE A 39 -11.20 4.97 -9.79
C ILE A 39 -10.35 5.90 -10.65
N ALA A 40 -9.37 5.34 -11.35
CA ALA A 40 -8.48 6.18 -12.17
C ALA A 40 -9.24 7.10 -13.15
N PRO A 41 -10.26 6.59 -13.85
CA PRO A 41 -10.97 7.53 -14.75
C PRO A 41 -11.69 8.68 -14.01
N ALA A 42 -12.21 8.42 -12.81
CA ALA A 42 -12.87 9.48 -12.05
C ALA A 42 -11.83 10.50 -11.59
N PHE A 43 -10.63 10.02 -11.25
CA PHE A 43 -9.56 10.95 -10.88
C PHE A 43 -9.17 11.81 -12.08
N GLU A 44 -9.06 11.19 -13.25
CA GLU A 44 -8.80 11.95 -14.48
CA GLU A 44 -8.82 11.94 -14.49
C GLU A 44 -9.88 13.01 -14.69
N ALA A 45 -11.15 12.65 -14.55
CA ALA A 45 -12.23 13.63 -14.71
C ALA A 45 -12.13 14.76 -13.68
N LEU A 46 -11.77 14.41 -12.45
CA LEU A 46 -11.64 15.42 -11.39
C LEU A 46 -10.66 16.51 -11.82
N SER A 47 -9.62 16.10 -12.57
CA SER A 47 -8.51 17.00 -12.86
C SER A 47 -8.87 18.11 -13.83
N ALA A 48 -10.09 18.09 -14.37
CA ALA A 48 -10.54 19.21 -15.20
C ALA A 48 -10.65 20.49 -14.34
N ASP A 49 -10.60 20.32 -13.03
CA ASP A 49 -10.69 21.44 -12.09
C ASP A 49 -9.34 22.13 -12.10
N ARG A 50 -9.29 23.33 -12.67
CA ARG A 50 -8.01 24.04 -12.80
C ARG A 50 -7.55 24.73 -11.52
N SER A 51 -8.40 24.73 -10.48
CA SER A 51 -8.03 25.41 -9.23
C SER A 51 -7.14 24.56 -8.34
N ALA A 52 -6.76 23.37 -8.81
CA ALA A 52 -5.86 22.48 -8.10
C ALA A 52 -5.07 21.68 -9.11
N LEU A 53 -3.95 21.10 -8.67
CA LEU A 53 -3.12 20.23 -9.50
C LEU A 53 -3.38 18.79 -9.10
N TYR A 54 -3.55 17.91 -10.08
CA TYR A 54 -3.88 16.52 -9.78
C TYR A 54 -2.72 15.64 -10.27
N VAL A 55 -2.17 14.82 -9.39
CA VAL A 55 -0.94 14.09 -9.67
C VAL A 55 -1.16 12.62 -9.41
N LYS A 56 -0.60 11.76 -10.24
CA LYS A 56 -0.74 10.33 -10.01
C LYS A 56 0.64 9.71 -9.85
N VAL A 57 0.83 8.98 -8.76
CA VAL A 57 2.14 8.42 -8.43
C VAL A 57 2.11 6.94 -8.05
N ASP A 58 3.01 6.17 -8.67
CA ASP A 58 3.18 4.74 -8.44
C ASP A 58 4.06 4.53 -7.20
N VAL A 59 3.51 3.92 -6.16
CA VAL A 59 4.25 3.73 -4.90
C VAL A 59 5.52 2.91 -5.04
N ASP A 60 5.59 2.07 -6.06
CA ASP A 60 6.82 1.28 -6.28
C ASP A 60 7.93 2.10 -6.94
N LYS A 61 7.55 3.22 -7.53
CA LYS A 61 8.51 4.08 -8.21
C LYS A 61 8.94 5.26 -7.34
N LEU A 62 8.06 5.64 -6.42
CA LEU A 62 8.33 6.76 -5.52
C LEU A 62 8.30 6.25 -4.09
N GLU A 63 9.23 5.36 -3.79
CA GLU A 63 9.25 4.72 -2.48
C GLU A 63 9.42 5.72 -1.33
N GLU A 64 10.29 6.71 -1.51
CA GLU A 64 10.55 7.66 -0.42
C GLU A 64 9.38 8.60 -0.22
N THR A 65 8.76 9.03 -1.32
CA THR A 65 7.61 9.92 -1.23
C THR A 65 6.45 9.23 -0.52
N ALA A 66 6.18 7.98 -0.88
CA ALA A 66 5.14 7.18 -0.23
C ALA A 66 5.43 7.04 1.26
N ARG A 67 6.69 6.78 1.60
CA ARG A 67 7.10 6.62 2.98
C ARG A 67 6.89 7.93 3.74
N LYS A 68 7.25 9.04 3.10
CA LYS A 68 7.13 10.37 3.69
C LYS A 68 5.70 10.71 4.09
N TYR A 69 4.74 10.32 3.25
CA TYR A 69 3.33 10.61 3.55
C TYR A 69 2.62 9.45 4.22
N ASP A 70 3.40 8.49 4.73
CA ASP A 70 2.84 7.35 5.46
C ASP A 70 1.82 6.56 4.67
N VAL A 71 2.02 6.41 3.38
CA VAL A 71 1.09 5.65 2.55
C VAL A 71 1.27 4.14 2.78
N SER A 72 0.20 3.43 3.10
CA SER A 72 0.35 1.98 3.29
C SER A 72 -0.73 1.13 2.59
N ALA A 73 -1.87 1.73 2.29
CA ALA A 73 -2.98 1.04 1.61
C ALA A 73 -3.29 1.80 0.32
N MET A 74 -3.74 1.07 -0.70
CA MET A 74 -3.88 1.64 -2.06
C MET A 74 -5.33 1.62 -2.48
N PRO A 75 -5.80 2.69 -3.14
CA PRO A 75 -5.09 3.97 -3.36
C PRO A 75 -5.16 4.79 -2.09
N THR A 76 -4.22 5.72 -1.92
CA THR A 76 -4.32 6.75 -0.87
C THR A 76 -4.15 8.11 -1.55
N PHE A 77 -5.04 9.06 -1.22
CA PHE A 77 -4.97 10.40 -1.82
C PHE A 77 -4.50 11.36 -0.77
N ILE A 78 -3.47 12.12 -1.09
CA ILE A 78 -2.91 13.10 -0.19
C ILE A 78 -3.25 14.49 -0.72
N VAL A 79 -3.71 15.37 0.16
CA VAL A 79 -3.96 16.75 -0.23
C VAL A 79 -2.86 17.59 0.39
N ILE A 80 -2.21 18.38 -0.45
CA ILE A 80 -1.11 19.24 -0.02
C ILE A 80 -1.52 20.68 -0.28
N LYS A 81 -1.34 21.54 0.71
CA LYS A 81 -1.70 22.95 0.52
C LYS A 81 -0.56 23.80 1.01
N ASN A 82 -0.15 24.77 0.20
CA ASN A 82 1.01 25.58 0.52
C ASN A 82 2.20 24.73 0.97
N GLY A 83 2.43 23.62 0.29
CA GLY A 83 3.61 22.78 0.52
C GLY A 83 3.50 21.71 1.59
N GLU A 84 2.43 21.74 2.38
CA GLU A 84 2.30 20.82 3.51
C GLU A 84 1.11 19.89 3.39
N LYS A 85 1.28 18.62 3.79
CA LYS A 85 0.17 17.69 3.82
C LYS A 85 -0.91 18.22 4.76
N VAL A 86 -2.11 18.40 4.23
CA VAL A 86 -3.21 18.87 5.07
C VAL A 86 -4.35 17.86 5.13
N ASP A 87 -4.30 16.80 4.33
CA ASP A 87 -5.34 15.79 4.43
C ASP A 87 -4.99 14.47 3.75
N THR A 88 -5.71 13.43 4.13
CA THR A 88 -5.47 12.07 3.63
C THR A 88 -6.77 11.32 3.43
N VAL A 89 -6.95 10.71 2.27
CA VAL A 89 -8.10 9.86 2.07
C VAL A 89 -7.62 8.48 1.69
N VAL A 90 -7.95 7.50 2.51
CA VAL A 90 -7.55 6.14 2.22
C VAL A 90 -8.70 5.40 1.57
N GLY A 91 -8.43 4.83 0.40
CA GLY A 91 -9.39 3.95 -0.26
C GLY A 91 -9.99 4.62 -1.48
N ALA A 92 -10.55 3.82 -2.37
CA ALA A 92 -11.10 4.32 -3.63
C ALA A 92 -12.49 4.90 -3.45
N SER A 93 -12.57 6.03 -2.77
CA SER A 93 -13.87 6.69 -2.61
C SER A 93 -13.82 8.06 -3.28
N ILE A 94 -14.43 8.18 -4.45
CA ILE A 94 -14.38 9.45 -5.16
C ILE A 94 -15.05 10.54 -4.33
N GLU A 95 -16.09 10.13 -3.58
CA GLU A 95 -16.84 11.05 -2.74
C GLU A 95 -15.98 11.60 -1.61
N ASN A 96 -15.18 10.74 -1.01
CA ASN A 96 -14.32 11.18 0.07
C ASN A 96 -13.23 12.13 -0.45
N VAL A 97 -12.75 11.86 -1.67
CA VAL A 97 -11.74 12.73 -2.27
C VAL A 97 -12.35 14.10 -2.56
N GLU A 98 -13.54 14.13 -3.14
CA GLU A 98 -14.22 15.40 -3.39
C GLU A 98 -14.37 16.21 -2.09
N ALA A 99 -14.86 15.56 -1.03
CA ALA A 99 -15.09 16.26 0.23
C ALA A 99 -13.78 16.82 0.80
N ALA A 100 -12.71 16.06 0.71
CA ALA A 100 -11.41 16.51 1.22
C ALA A 100 -10.87 17.72 0.42
N ILE A 101 -10.98 17.66 -0.88
CA ILE A 101 -10.54 18.79 -1.70
C ILE A 101 -11.34 20.03 -1.37
N ARG A 102 -12.67 19.89 -1.33
CA ARG A 102 -13.52 20.99 -0.93
C ARG A 102 -13.13 21.59 0.42
N LYS A 103 -12.73 20.74 1.35
CA LYS A 103 -12.42 21.23 2.68
C LYS A 103 -11.26 22.23 2.63
N HIS A 104 -10.39 22.08 1.64
CA HIS A 104 -9.14 22.82 1.60
C HIS A 104 -9.00 23.86 0.50
N LYS A 105 -10.01 23.98 -0.34
CA LYS A 105 -10.02 25.03 -1.37
C LYS A 105 -9.90 26.40 -0.70
N SER B 1 7.84 1.57 8.05
CA SER B 1 7.26 0.39 7.41
C SER B 1 7.68 0.25 5.95
N ASN B 2 8.16 -0.94 5.61
CA ASN B 2 8.17 -1.39 4.22
C ASN B 2 7.04 -2.41 4.06
N VAL B 3 6.09 -2.35 4.99
CA VAL B 3 4.99 -3.31 4.98
C VAL B 3 3.74 -2.84 4.24
N LEU B 4 3.43 -3.56 3.18
CA LEU B 4 2.28 -3.30 2.34
C LEU B 4 0.99 -3.85 2.95
N HIS B 5 -0.10 -3.09 2.82
CA HIS B 5 -1.41 -3.53 3.25
C HIS B 5 -2.22 -3.89 1.99
N ILE B 6 -2.55 -5.17 1.83
CA ILE B 6 -3.31 -5.60 0.66
C ILE B 6 -4.72 -5.97 1.13
N GLU B 7 -5.74 -5.54 0.40
CA GLU B 7 -7.09 -5.48 0.96
C GLU B 7 -8.19 -6.25 0.22
N THR B 8 -7.85 -6.86 -0.92
CA THR B 8 -8.78 -7.75 -1.60
C THR B 8 -8.03 -8.97 -2.13
N ASP B 9 -8.76 -10.05 -2.41
CA ASP B 9 -8.17 -11.28 -2.91
C ASP B 9 -7.55 -11.15 -4.31
N ASP B 10 -8.22 -10.37 -5.16
CA ASP B 10 -7.70 -10.13 -6.51
C ASP B 10 -6.40 -9.32 -6.47
N ASP B 11 -6.35 -8.29 -5.63
CA ASP B 11 -5.13 -7.52 -5.45
C ASP B 11 -3.99 -8.44 -4.99
N PHE B 12 -4.29 -9.32 -4.05
CA PHE B 12 -3.27 -10.25 -3.60
C PHE B 12 -2.78 -11.11 -4.76
N ASP B 13 -3.71 -11.69 -5.52
CA ASP B 13 -3.36 -12.48 -6.70
C ASP B 13 -2.49 -11.66 -7.66
N SER B 14 -2.88 -10.41 -7.93
CA SER B 14 -2.10 -9.60 -8.86
CA SER B 14 -2.11 -9.57 -8.85
C SER B 14 -0.72 -9.28 -8.29
N PHE B 15 -0.67 -8.92 -7.01
CA PHE B 15 0.61 -8.68 -6.35
C PHE B 15 1.55 -9.88 -6.50
N LEU B 16 1.02 -11.07 -6.22
CA LEU B 16 1.82 -12.28 -6.35
C LEU B 16 2.35 -12.46 -7.78
N LYS B 17 1.50 -12.19 -8.77
CA LYS B 17 1.89 -12.32 -10.17
C LYS B 17 3.00 -11.36 -10.59
N GLU B 18 3.09 -10.22 -9.91
CA GLU B 18 4.14 -9.24 -10.18
C GLU B 18 5.45 -9.58 -9.50
N ASN B 19 5.36 -10.46 -8.51
CA ASN B 19 6.52 -10.79 -7.69
C ASN B 19 6.76 -12.29 -7.61
N LYS B 20 6.71 -12.95 -8.77
CA LYS B 20 7.05 -14.36 -8.88
C LYS B 20 8.52 -14.58 -8.51
N ASP B 21 9.31 -13.51 -8.54
CA ASP B 21 10.75 -13.66 -8.37
C ASP B 21 11.25 -13.42 -6.94
N LYS B 22 10.34 -13.06 -6.04
CA LYS B 22 10.76 -12.69 -4.70
C LYS B 22 10.27 -13.64 -3.60
N LEU B 23 10.93 -13.54 -2.45
CA LEU B 23 10.47 -14.20 -1.24
C LEU B 23 9.52 -13.24 -0.54
N ILE B 24 8.35 -13.73 -0.18
CA ILE B 24 7.32 -12.87 0.40
C ILE B 24 6.85 -13.44 1.73
N VAL B 25 6.71 -12.57 2.72
CA VAL B 25 6.16 -12.95 4.01
C VAL B 25 4.83 -12.23 4.19
N VAL B 26 3.77 -12.99 4.40
CA VAL B 26 2.45 -12.39 4.58
C VAL B 26 1.94 -12.54 6.02
N ASP B 27 1.62 -11.40 6.62
CA ASP B 27 1.05 -11.37 7.95
C ASP B 27 -0.48 -11.36 7.90
N PHE B 28 -1.10 -12.50 8.22
CA PHE B 28 -2.54 -12.60 8.27
C PHE B 28 -3.03 -12.21 9.66
N PHE B 29 -3.72 -11.07 9.74
CA PHE B 29 -4.19 -10.55 11.01
C PHE B 29 -5.70 -10.37 10.99
N ALA B 30 -6.24 -9.99 12.14
CA ALA B 30 -7.65 -9.66 12.27
C ALA B 30 -7.74 -8.38 13.08
N THR B 31 -8.73 -7.55 12.78
CA THR B 31 -8.84 -6.23 13.40
C THR B 31 -8.86 -6.33 14.91
N TRP B 32 -9.21 -7.51 15.39
CA TRP B 32 -9.46 -7.74 16.80
C TRP B 32 -8.28 -8.38 17.52
N CYS B 33 -7.43 -9.05 16.75
CA CYS B 33 -6.40 -9.93 17.28
C CYS B 33 -5.41 -9.23 18.21
N GLY B 34 -5.55 -9.49 19.51
CA GLY B 34 -4.61 -8.98 20.51
C GLY B 34 -3.17 -9.32 20.18
N PRO B 35 -2.88 -10.62 20.03
CA PRO B 35 -1.51 -11.05 19.69
C PRO B 35 -1.04 -10.50 18.34
N CYS B 36 -1.97 -10.27 17.42
CA CYS B 36 -1.63 -9.68 16.13
C CYS B 36 -0.99 -8.32 16.34
N LYS B 37 -1.65 -7.51 17.16
CA LYS B 37 -1.14 -6.18 17.51
C LYS B 37 0.22 -6.27 18.19
N LYS B 38 0.35 -7.18 19.14
CA LYS B 38 1.57 -7.30 19.90
C LYS B 38 2.79 -7.50 19.00
N ILE B 39 2.58 -8.08 17.82
CA ILE B 39 3.70 -8.45 16.98
C ILE B 39 3.86 -7.55 15.75
N ALA B 40 2.86 -6.72 15.47
CA ALA B 40 2.90 -5.82 14.34
C ALA B 40 4.18 -4.98 14.29
N PRO B 41 4.53 -4.32 15.40
CA PRO B 41 5.77 -3.54 15.50
C PRO B 41 7.01 -4.34 15.08
N ALA B 42 7.19 -5.53 15.63
CA ALA B 42 8.34 -6.36 15.27
C ALA B 42 8.33 -6.73 13.78
N PHE B 43 7.14 -6.94 13.23
CA PHE B 43 7.02 -7.28 11.83
C PHE B 43 7.41 -6.10 10.95
N GLU B 44 7.01 -4.90 11.35
CA GLU B 44 7.44 -3.71 10.64
C GLU B 44 8.97 -3.61 10.62
N ALA B 45 9.59 -3.78 11.78
CA ALA B 45 11.04 -3.71 11.89
C ALA B 45 11.70 -4.71 10.96
N LEU B 46 11.13 -5.90 10.90
CA LEU B 46 11.64 -6.97 10.04
C LEU B 46 11.67 -6.56 8.56
N SER B 47 10.65 -5.82 8.11
CA SER B 47 10.55 -5.44 6.70
C SER B 47 11.62 -4.46 6.23
N ALA B 48 12.44 -3.96 7.15
CA ALA B 48 13.55 -3.10 6.77
C ALA B 48 14.45 -3.87 5.81
N ASP B 49 14.29 -5.18 5.81
CA ASP B 49 15.01 -6.07 4.90
C ASP B 49 14.40 -5.97 3.50
N ARG B 50 15.12 -5.30 2.59
CA ARG B 50 14.60 -5.04 1.26
C ARG B 50 14.58 -6.29 0.38
N SER B 51 15.36 -7.30 0.76
CA SER B 51 15.48 -8.54 -0.01
C SER B 51 14.14 -9.22 -0.24
N ALA B 52 13.38 -9.40 0.84
CA ALA B 52 12.06 -10.02 0.75
C ALA B 52 10.95 -8.98 0.83
N LEU B 53 9.73 -9.39 0.49
CA LEU B 53 8.58 -8.48 0.59
C LEU B 53 7.71 -8.84 1.79
N TYR B 54 7.29 -7.81 2.51
CA TYR B 54 6.50 -8.01 3.72
C TYR B 54 5.13 -7.35 3.56
N VAL B 55 4.09 -8.15 3.81
CA VAL B 55 2.71 -7.75 3.50
C VAL B 55 1.78 -8.07 4.67
N LYS B 56 0.77 -7.22 4.86
CA LYS B 56 -0.23 -7.43 5.90
C LYS B 56 -1.59 -7.63 5.25
N VAL B 57 -2.29 -8.68 5.66
CA VAL B 57 -3.60 -8.98 5.11
C VAL B 57 -4.62 -9.29 6.21
N ASP B 58 -5.80 -8.69 6.10
CA ASP B 58 -6.89 -8.91 7.03
C ASP B 58 -7.63 -10.19 6.65
N VAL B 59 -7.52 -11.22 7.49
CA VAL B 59 -8.14 -12.51 7.16
C VAL B 59 -9.62 -12.41 6.86
N ASP B 60 -10.28 -11.36 7.37
CA ASP B 60 -11.70 -11.18 7.13
C ASP B 60 -11.96 -10.54 5.77
N LYS B 61 -11.01 -9.74 5.30
CA LYS B 61 -11.13 -9.10 4.00
C LYS B 61 -10.69 -10.02 2.85
N LEU B 62 -9.89 -11.04 3.16
CA LEU B 62 -9.32 -11.92 2.14
C LEU B 62 -9.59 -13.39 2.43
N GLU B 63 -10.87 -13.75 2.49
CA GLU B 63 -11.28 -15.10 2.87
C GLU B 63 -10.69 -16.17 1.94
N GLU B 64 -10.67 -15.88 0.64
CA GLU B 64 -10.26 -16.87 -0.33
C GLU B 64 -8.75 -17.12 -0.26
N THR B 65 -7.99 -16.04 -0.11
CA THR B 65 -6.54 -16.15 0.05
C THR B 65 -6.21 -16.90 1.34
N ALA B 66 -6.95 -16.62 2.41
CA ALA B 66 -6.74 -17.30 3.68
C ALA B 66 -7.01 -18.79 3.53
N ARG B 67 -8.14 -19.10 2.90
CA ARG B 67 -8.51 -20.48 2.60
C ARG B 67 -7.41 -21.13 1.77
N LYS B 68 -6.95 -20.41 0.75
CA LYS B 68 -5.97 -20.94 -0.19
C LYS B 68 -4.66 -21.34 0.49
N TYR B 69 -4.22 -20.51 1.44
CA TYR B 69 -3.00 -20.83 2.19
C TYR B 69 -3.28 -21.56 3.51
N ASP B 70 -4.49 -22.04 3.66
CA ASP B 70 -4.85 -22.86 4.82
C ASP B 70 -4.60 -22.13 6.14
N VAL B 71 -4.93 -20.85 6.15
CA VAL B 71 -4.82 -20.01 7.33
C VAL B 71 -6.08 -20.14 8.18
N SER B 72 -5.91 -20.63 9.40
CA SER B 72 -7.04 -20.98 10.26
C SER B 72 -6.90 -20.40 11.67
N ALA B 73 -5.85 -19.63 11.89
CA ALA B 73 -5.58 -19.02 13.18
C ALA B 73 -4.82 -17.72 12.95
N MET B 74 -4.99 -16.76 13.84
CA MET B 74 -4.26 -15.50 13.75
C MET B 74 -3.51 -15.19 15.05
N PRO B 75 -2.32 -14.62 14.92
CA PRO B 75 -1.71 -14.31 13.63
C PRO B 75 -1.10 -15.54 12.96
N THR B 76 -1.17 -15.59 11.64
CA THR B 76 -0.43 -16.58 10.87
C THR B 76 0.46 -15.88 9.86
N PHE B 77 1.70 -16.35 9.76
CA PHE B 77 2.62 -15.83 8.76
C PHE B 77 2.90 -16.88 7.72
N ILE B 78 2.71 -16.50 6.46
CA ILE B 78 2.89 -17.38 5.34
C ILE B 78 4.09 -16.94 4.53
N VAL B 79 5.08 -17.80 4.40
CA VAL B 79 6.23 -17.49 3.56
C VAL B 79 6.02 -18.06 2.17
N ILE B 80 6.23 -17.21 1.17
CA ILE B 80 6.00 -17.57 -0.21
C ILE B 80 7.28 -17.31 -1.00
N LYS B 81 7.90 -18.39 -1.49
CA LYS B 81 9.14 -18.29 -2.26
C LYS B 81 8.84 -18.52 -3.73
N ASN B 82 9.27 -17.58 -4.57
CA ASN B 82 9.05 -17.69 -6.01
C ASN B 82 7.62 -18.07 -6.38
N GLY B 83 6.64 -17.42 -5.77
CA GLY B 83 5.24 -17.60 -6.15
C GLY B 83 4.50 -18.77 -5.53
N GLU B 84 5.17 -19.52 -4.65
CA GLU B 84 4.54 -20.69 -4.03
C GLU B 84 4.66 -20.65 -2.51
N LYS B 85 3.65 -21.17 -1.82
CA LYS B 85 3.74 -21.31 -0.37
C LYS B 85 4.83 -22.32 -0.03
N VAL B 86 5.75 -21.92 0.84
CA VAL B 86 6.86 -22.80 1.22
C VAL B 86 6.90 -23.02 2.72
N ASP B 87 6.30 -22.12 3.48
CA ASP B 87 6.28 -22.27 4.94
C ASP B 87 5.10 -21.54 5.59
N THR B 88 4.76 -22.00 6.79
CA THR B 88 3.71 -21.42 7.62
C THR B 88 4.24 -21.21 9.03
N VAL B 89 4.05 -20.02 9.57
CA VAL B 89 4.36 -19.78 10.98
C VAL B 89 3.14 -19.26 11.74
N VAL B 90 2.77 -19.97 12.80
CA VAL B 90 1.60 -19.56 13.59
C VAL B 90 1.99 -19.03 14.97
N GLY B 91 1.48 -17.84 15.29
CA GLY B 91 1.71 -17.24 16.59
C GLY B 91 2.59 -16.01 16.55
N ALA B 92 2.65 -15.31 17.68
CA ALA B 92 3.35 -14.04 17.77
C ALA B 92 4.82 -14.17 18.18
N SER B 93 5.54 -15.10 17.55
CA SER B 93 6.99 -15.24 17.78
C SER B 93 7.77 -14.77 16.56
N ILE B 94 8.25 -13.53 16.60
CA ILE B 94 8.97 -12.99 15.46
C ILE B 94 10.20 -13.84 15.11
N GLU B 95 10.94 -14.29 16.12
CA GLU B 95 12.10 -15.15 15.89
C GLU B 95 11.75 -16.33 15.00
N ASN B 96 10.60 -16.96 15.25
CA ASN B 96 10.16 -18.08 14.41
C ASN B 96 9.85 -17.65 12.98
N VAL B 97 9.49 -16.38 12.79
CA VAL B 97 9.26 -15.89 11.45
C VAL B 97 10.61 -15.75 10.74
N GLU B 98 11.57 -15.13 11.42
CA GLU B 98 12.90 -14.94 10.86
C GLU B 98 13.57 -16.27 10.55
N ALA B 99 13.44 -17.22 11.46
CA ALA B 99 13.95 -18.57 11.23
C ALA B 99 13.35 -19.16 9.95
N ALA B 100 12.06 -18.93 9.74
CA ALA B 100 11.38 -19.47 8.57
C ALA B 100 11.70 -18.67 7.32
N ILE B 101 12.05 -17.39 7.50
CA ILE B 101 12.44 -16.55 6.39
C ILE B 101 13.81 -16.97 5.88
N ARG B 102 14.80 -16.93 6.76
CA ARG B 102 16.18 -17.20 6.40
C ARG B 102 16.39 -18.67 6.09
N LYS B 103 15.30 -19.43 6.04
CA LYS B 103 15.36 -20.85 5.73
C LYS B 103 15.16 -21.12 4.24
N HIS B 104 14.57 -20.15 3.54
CA HIS B 104 14.32 -20.26 2.11
C HIS B 104 14.82 -19.04 1.38
N LYS B 105 15.48 -18.14 2.10
CA LYS B 105 15.96 -16.88 1.54
C LYS B 105 16.64 -17.08 0.18
#